data_2WLY
#
_entry.id   2WLY
#
_cell.length_a   131.004
_cell.length_b   201.442
_cell.length_c   59.325
_cell.angle_alpha   90.00
_cell.angle_beta   90.00
_cell.angle_gamma   90.00
#
_symmetry.space_group_name_H-M   'C 2 2 21'
#
loop_
_entity.id
_entity.type
_entity.pdbx_description
1 polymer Chitinase
2 non-polymer '1,4-DIETHYLENE DIOXIDE'
3 non-polymer DI(HYDROXYETHYL)ETHER
4 non-polymer 2-deoxy-2-(ethanethioylamino)-beta-D-glucopyranose
5 non-polymer 3AR,5R,6S,7R,7AR-5-HYDROXYMETHYL-2-METHYL-5,6,7,7A-TETRAHYDRO-3AH-PYRANO[3,2-D]THIAZOLE-6,7-DIOL
6 water water
#
_entity_poly.entity_id   1
_entity_poly.type   'polypeptide(L)'
_entity_poly.pdbx_seq_one_letter_code
;AAPGKPTIAWGNTKFAIVEVDQAATAYNNLVKVKNAADVSVSWNLWNGDTGTTAKILLNGKEAWSGPSTGSSGTANFKVN
KGGRYQMQVALCNADGCTASDATEIVVADTDGSHLAPLKEPLLEKNKPYKQNSGKVVGSYFVEWGVYGRNFTVDKIPAQN
LTHLLYGFIPICGGNGINDSLKEIEGSFQALQRSCQGREDFKVSIHDPFAALQKAQKGVTAWDDPYKGNFGQLMALKQAH
PDLKILPSIGGWTLSDPFFFMGDKVKRDRFVGSVKEFLQTWKFFDGVDIDWEFPGGKGANPNLGSPQDGETYVLLMKELR
AMLDQLSAETGRKYELTSAISAGKDKIDKVAYNVAQNSMDHIFLMSYDFYGAFDLKNLGHQTALNAPAWKPDTAYTTVNG
VNALLTQGVKPGKIVVGTAMYGRGWTGVNGYQNNIPFTGTATGPVKGTWENGIVDYRQIASQFMSGEWQYTYDATAEAPY
VFKPSTGDLITFDDARSVQAKGKYVLDKQLGGLFSWEIDADNGDILNSMNASLGNSAGVQLEHHHHHH
;
_entity_poly.pdbx_strand_id   A
#
# COMPACT_ATOMS: atom_id res chain seq x y z
N ALA A 1 2.89 3.39 60.14
CA ALA A 1 3.14 4.24 58.91
C ALA A 1 2.94 3.40 57.63
N ALA A 2 2.29 3.99 56.61
CA ALA A 2 2.26 3.46 55.24
C ALA A 2 3.69 3.38 54.69
N PRO A 3 3.93 2.51 53.70
CA PRO A 3 5.33 2.36 53.15
C PRO A 3 5.84 3.73 52.60
N GLY A 4 7.15 3.91 52.48
CA GLY A 4 7.70 5.15 51.85
C GLY A 4 7.40 5.16 50.32
N LYS A 5 7.62 6.31 49.65
CA LYS A 5 7.26 6.51 48.26
C LYS A 5 8.38 5.98 47.35
N PRO A 6 8.07 4.94 46.56
CA PRO A 6 9.21 4.36 45.80
C PRO A 6 9.57 5.22 44.58
N THR A 7 10.79 5.00 44.08
CA THR A 7 11.33 5.73 42.96
C THR A 7 11.50 4.77 41.84
N ILE A 8 10.91 5.05 40.67
CA ILE A 8 11.05 4.11 39.54
C ILE A 8 12.48 4.19 39.03
N ALA A 9 13.15 3.06 38.80
CA ALA A 9 14.50 3.01 38.32
C ALA A 9 14.53 3.42 36.80
N TRP A 10 15.52 4.25 36.40
CA TRP A 10 15.88 4.42 35.01
C TRP A 10 16.05 3.06 34.33
N GLY A 11 15.44 2.96 33.16
CA GLY A 11 15.55 1.71 32.41
C GLY A 11 14.75 1.87 31.14
N ASN A 12 14.81 0.86 30.30
CA ASN A 12 13.99 0.82 29.08
C ASN A 12 12.51 0.96 29.39
N THR A 13 11.81 1.82 28.69
CA THR A 13 10.38 1.93 28.90
C THR A 13 9.53 1.53 27.66
N LYS A 14 10.15 0.90 26.66
CA LYS A 14 9.47 0.66 25.35
C LYS A 14 9.55 -0.80 25.02
N PHE A 15 8.40 -1.47 24.94
CA PHE A 15 8.35 -2.92 24.70
C PHE A 15 7.45 -3.20 23.53
N ALA A 16 7.47 -4.44 23.03
CA ALA A 16 6.77 -4.74 21.77
C ALA A 16 6.06 -6.05 21.88
N ILE A 17 4.82 -6.11 21.41
CA ILE A 17 4.10 -7.41 21.29
C ILE A 17 4.58 -8.23 20.07
N VAL A 18 4.82 -7.52 18.99
CA VAL A 18 5.49 -8.07 17.83
C VAL A 18 6.85 -7.45 17.81
N GLU A 19 7.87 -8.30 17.96
CA GLU A 19 9.20 -7.86 17.95
C GLU A 19 9.88 -7.93 16.57
N VAL A 20 10.71 -6.92 16.25
CA VAL A 20 11.56 -6.97 15.09
C VAL A 20 13.02 -7.12 15.52
N ASP A 21 13.68 -8.15 15.00
CA ASP A 21 15.05 -8.46 15.35
C ASP A 21 15.86 -7.53 14.49
N GLN A 22 16.62 -6.68 15.15
CA GLN A 22 17.35 -5.63 14.47
C GLN A 22 18.60 -6.13 13.70
N ALA A 23 18.99 -7.39 13.93
CA ALA A 23 20.08 -7.97 13.17
C ALA A 23 19.64 -9.26 12.44
N ALA A 24 18.76 -9.14 11.43
CA ALA A 24 18.32 -10.34 10.70
C ALA A 24 17.87 -9.92 9.32
N THR A 25 18.12 -10.70 8.29
CA THR A 25 17.59 -10.33 6.97
C THR A 25 16.50 -11.29 6.47
N ALA A 26 16.40 -12.47 7.05
CA ALA A 26 15.34 -13.42 6.72
C ALA A 26 14.04 -13.06 7.44
N TYR A 27 12.95 -12.94 6.67
CA TYR A 27 11.66 -12.57 7.24
C TYR A 27 11.26 -13.48 8.41
N ASN A 28 11.53 -14.79 8.32
CA ASN A 28 11.31 -15.63 9.51
C ASN A 28 12.06 -15.26 10.82
N ASN A 29 13.26 -14.68 10.73
CA ASN A 29 13.95 -14.29 11.94
C ASN A 29 13.64 -12.85 12.30
N LEU A 30 13.26 -12.07 11.28
CA LEU A 30 13.03 -10.67 11.36
C LEU A 30 11.87 -10.36 12.33
N VAL A 31 10.82 -11.18 12.34
CA VAL A 31 9.58 -10.78 12.98
C VAL A 31 9.26 -11.85 13.97
N LYS A 32 9.10 -11.50 15.24
CA LYS A 32 8.63 -12.46 16.19
C LYS A 32 7.31 -11.94 16.80
N VAL A 33 6.23 -12.68 16.54
CA VAL A 33 4.87 -12.38 17.04
C VAL A 33 4.70 -13.02 18.42
N LYS A 34 4.43 -12.26 19.46
CA LYS A 34 4.20 -12.92 20.75
C LYS A 34 2.77 -12.75 21.12
N ASN A 35 2.26 -13.57 22.01
CA ASN A 35 0.92 -13.35 22.64
C ASN A 35 0.85 -12.00 23.41
N ALA A 36 1.98 -11.59 24.02
CA ALA A 36 2.07 -10.36 24.82
C ALA A 36 3.48 -9.83 24.89
N ALA A 37 3.61 -8.54 25.20
CA ALA A 37 4.92 -7.95 25.44
C ALA A 37 5.49 -8.35 26.84
N ASP A 38 6.78 -8.68 26.92
CA ASP A 38 7.46 -8.93 28.18
C ASP A 38 7.91 -7.58 28.74
N VAL A 39 7.29 -7.08 29.81
CA VAL A 39 7.69 -5.78 30.34
C VAL A 39 8.53 -5.94 31.62
N SER A 40 9.42 -4.98 31.87
CA SER A 40 10.21 -4.92 33.10
C SER A 40 10.19 -3.61 33.75
N VAL A 41 9.98 -3.57 35.09
CA VAL A 41 10.17 -2.34 35.89
C VAL A 41 11.01 -2.61 37.12
N SER A 42 11.80 -1.60 37.54
CA SER A 42 12.59 -1.74 38.76
C SER A 42 12.38 -0.52 39.60
N TRP A 43 12.68 -0.62 40.90
CA TRP A 43 12.48 0.55 41.69
C TRP A 43 13.49 0.55 42.83
N ASN A 44 13.58 1.70 43.53
CA ASN A 44 14.35 1.86 44.72
C ASN A 44 13.49 2.51 45.76
N LEU A 45 13.75 2.25 47.04
CA LEU A 45 13.04 3.09 48.00
C LEU A 45 14.13 3.78 48.82
N TRP A 46 14.08 5.10 48.85
CA TRP A 46 15.14 5.90 49.46
C TRP A 46 14.72 6.38 50.86
N ASN A 47 13.42 6.48 51.15
CA ASN A 47 12.97 6.92 52.49
C ASN A 47 11.76 6.22 53.02
N GLY A 48 11.99 5.50 54.14
CA GLY A 48 10.89 4.86 54.89
C GLY A 48 10.89 3.33 54.83
N ASP A 49 9.74 2.77 55.14
CA ASP A 49 9.57 1.30 55.26
C ASP A 49 9.25 0.79 53.84
N THR A 50 9.80 -0.35 53.43
CA THR A 50 9.57 -0.79 52.07
C THR A 50 8.25 -1.50 51.89
N GLY A 51 7.42 -1.56 52.91
CA GLY A 51 6.16 -2.30 52.81
C GLY A 51 6.24 -3.80 52.69
N THR A 52 5.11 -4.46 52.47
CA THR A 52 5.17 -5.90 52.38
C THR A 52 4.77 -6.44 51.03
N THR A 53 4.03 -5.67 50.23
CA THR A 53 3.70 -6.04 48.84
C THR A 53 4.06 -4.87 47.91
N ALA A 54 4.62 -5.23 46.78
CA ALA A 54 4.94 -4.30 45.71
C ALA A 54 4.00 -4.62 44.57
N LYS A 55 3.52 -3.58 43.89
CA LYS A 55 2.61 -3.75 42.74
C LYS A 55 3.06 -2.84 41.58
N ILE A 56 2.90 -3.27 40.34
CA ILE A 56 3.01 -2.39 39.21
C ILE A 56 1.60 -2.07 38.77
N LEU A 57 1.29 -0.79 38.69
CA LEU A 57 0.03 -0.33 38.18
C LEU A 57 0.20 0.23 36.75
N LEU A 58 -0.78 -0.08 35.88
CA LEU A 58 -0.90 0.57 34.57
C LEU A 58 -2.21 1.31 34.53
N ASN A 59 -2.14 2.62 34.42
CA ASN A 59 -3.35 3.41 34.59
C ASN A 59 -4.19 2.99 35.85
N GLY A 60 -3.53 2.71 36.98
CA GLY A 60 -4.15 2.45 38.25
C GLY A 60 -4.46 0.98 38.42
N LYS A 61 -4.36 0.22 37.34
CA LYS A 61 -4.71 -1.17 37.42
C LYS A 61 -3.50 -2.06 37.47
N GLU A 62 -3.53 -2.96 38.41
CA GLU A 62 -2.43 -3.78 38.74
C GLU A 62 -2.08 -4.73 37.62
N ALA A 63 -0.80 -4.85 37.23
CA ALA A 63 -0.43 -5.82 36.22
C ALA A 63 0.50 -6.85 36.86
N TRP A 64 0.93 -6.55 38.07
CA TRP A 64 1.89 -7.47 38.74
C TRP A 64 1.88 -7.22 40.25
N SER A 65 2.21 -8.24 41.03
CA SER A 65 2.15 -8.13 42.48
C SER A 65 3.10 -9.10 43.02
N GLY A 66 3.72 -8.80 44.16
CA GLY A 66 4.71 -9.73 44.72
C GLY A 66 5.13 -9.17 46.07
N PRO A 67 5.77 -10.04 46.87
CA PRO A 67 6.33 -9.71 48.21
C PRO A 67 7.38 -8.59 48.04
N SER A 68 7.34 -7.51 48.83
CA SER A 68 8.35 -6.46 48.78
C SER A 68 9.47 -6.89 49.74
N THR A 69 10.66 -7.28 49.27
CA THR A 69 11.64 -7.95 50.11
C THR A 69 12.94 -7.14 50.37
N GLY A 70 13.01 -5.91 49.87
CA GLY A 70 14.20 -5.10 50.02
C GLY A 70 13.99 -3.65 49.55
N SER A 71 15.09 -2.89 49.61
CA SER A 71 15.13 -1.50 49.20
C SER A 71 15.05 -1.32 47.67
N SER A 72 15.35 -2.41 46.94
CA SER A 72 15.15 -2.42 45.52
C SER A 72 14.36 -3.67 45.07
N GLY A 73 13.58 -3.57 44.00
CA GLY A 73 12.88 -4.72 43.43
C GLY A 73 12.80 -4.67 41.91
N THR A 74 12.45 -5.81 41.34
CA THR A 74 12.23 -5.90 39.92
C THR A 74 11.01 -6.74 39.68
N ALA A 75 10.14 -6.29 38.77
CA ALA A 75 8.93 -7.00 38.38
C ALA A 75 9.06 -7.32 36.85
N ASN A 76 8.80 -8.57 36.44
CA ASN A 76 8.68 -8.96 35.02
C ASN A 76 7.26 -9.42 34.83
N PHE A 77 6.55 -8.89 33.85
CA PHE A 77 5.17 -9.24 33.65
C PHE A 77 4.80 -9.10 32.13
N LYS A 78 3.62 -9.59 31.78
CA LYS A 78 3.13 -9.58 30.41
C LYS A 78 2.05 -8.52 30.23
N VAL A 79 2.08 -7.81 29.11
CA VAL A 79 1.04 -6.88 28.77
C VAL A 79 0.58 -7.25 27.33
N ASN A 80 -0.74 -7.51 27.15
CA ASN A 80 -1.25 -7.98 25.84
C ASN A 80 -2.01 -7.01 24.99
N LYS A 81 -1.87 -5.71 25.24
CA LYS A 81 -2.64 -4.78 24.50
C LYS A 81 -1.74 -3.60 24.32
N GLY A 82 -1.71 -3.04 23.12
CA GLY A 82 -0.81 -1.95 22.83
C GLY A 82 -1.32 -0.62 23.30
N GLY A 83 -0.36 0.28 23.57
CA GLY A 83 -0.68 1.63 23.90
C GLY A 83 0.42 2.24 24.76
N ARG A 84 0.09 3.39 25.28
CA ARG A 84 0.94 4.11 26.15
CA ARG A 84 0.90 4.17 26.16
C ARG A 84 0.21 4.10 27.50
N TYR A 85 0.94 3.65 28.52
CA TYR A 85 0.42 3.52 29.88
C TYR A 85 1.15 4.40 30.89
N GLN A 86 0.39 5.02 31.79
CA GLN A 86 1.02 5.69 32.93
C GLN A 86 1.30 4.60 33.93
N MET A 87 2.57 4.20 34.11
N MET A 87 2.56 4.19 34.10
CA MET A 87 2.89 3.09 35.01
CA MET A 87 2.88 3.11 35.02
C MET A 87 3.34 3.63 36.35
C MET A 87 3.32 3.65 36.35
N GLN A 88 2.90 2.98 37.42
CA GLN A 88 3.39 3.31 38.75
C GLN A 88 3.86 2.08 39.51
N VAL A 89 4.83 2.26 40.39
CA VAL A 89 5.15 1.23 41.39
C VAL A 89 4.43 1.66 42.68
N ALA A 90 3.72 0.72 43.32
CA ALA A 90 3.15 1.00 44.61
C ALA A 90 3.66 0.03 45.66
N LEU A 91 3.89 0.53 46.87
CA LEU A 91 4.30 -0.34 48.00
C LEU A 91 3.20 -0.34 49.03
N CYS A 92 2.81 -1.51 49.49
CA CYS A 92 1.56 -1.65 50.26
C CYS A 92 1.92 -2.33 51.56
N ASN A 93 1.32 -1.87 52.66
CA ASN A 93 1.31 -2.66 53.86
C ASN A 93 -0.10 -2.54 54.44
N ALA A 94 -0.26 -2.99 55.70
CA ALA A 94 -1.59 -3.05 56.33
C ALA A 94 -2.07 -1.62 56.60
N ASP A 95 -1.12 -0.67 56.67
CA ASP A 95 -1.40 0.75 56.89
C ASP A 95 -1.57 1.57 55.59
N GLY A 96 -1.54 0.90 54.44
CA GLY A 96 -1.85 1.65 53.18
C GLY A 96 -0.85 1.45 52.05
N CYS A 97 -1.22 1.98 50.88
CA CYS A 97 -0.40 1.86 49.67
C CYS A 97 0.20 3.20 49.38
N THR A 98 1.48 3.21 49.03
CA THR A 98 2.11 4.43 48.55
C THR A 98 2.63 4.27 47.11
N ALA A 99 2.23 5.15 46.20
CA ALA A 99 2.52 4.94 44.77
C ALA A 99 3.56 5.93 44.35
N SER A 100 4.46 5.48 43.48
CA SER A 100 5.45 6.37 42.85
C SER A 100 4.76 7.36 41.92
N ASP A 101 5.50 8.34 41.48
CA ASP A 101 5.06 9.17 40.36
C ASP A 101 5.00 8.24 39.13
N ALA A 102 4.12 8.59 38.22
CA ALA A 102 3.86 7.82 37.00
C ALA A 102 5.05 8.00 36.05
N THR A 103 5.55 6.93 35.44
CA THR A 103 6.40 6.98 34.22
C THR A 103 5.59 6.37 33.04
N GLU A 104 5.60 6.99 31.88
CA GLU A 104 4.88 6.40 30.77
C GLU A 104 5.65 5.21 30.22
N ILE A 105 5.01 4.09 29.94
CA ILE A 105 5.69 3.04 29.19
C ILE A 105 4.93 2.83 27.85
N VAL A 106 5.62 2.24 26.87
CA VAL A 106 5.13 2.07 25.51
C VAL A 106 5.11 0.59 25.24
N VAL A 107 3.92 0.06 24.98
CA VAL A 107 3.78 -1.31 24.57
C VAL A 107 3.33 -1.23 23.10
N ALA A 108 4.22 -1.61 22.18
CA ALA A 108 3.99 -1.44 20.71
C ALA A 108 3.23 -2.65 20.18
N ASP A 109 2.37 -2.38 19.23
CA ASP A 109 1.65 -3.42 18.51
C ASP A 109 1.45 -2.89 17.09
N THR A 110 1.12 -3.81 16.14
CA THR A 110 1.25 -3.46 14.73
C THR A 110 0.01 -2.71 14.16
N ASP A 111 -0.94 -2.39 15.04
CA ASP A 111 -2.01 -1.45 14.69
C ASP A 111 -1.59 -0.04 14.93
N GLY A 112 -0.39 0.15 15.47
CA GLY A 112 0.07 1.53 15.76
C GLY A 112 -0.59 2.10 17.00
N SER A 113 -1.14 1.25 17.85
CA SER A 113 -1.78 1.74 19.07
C SER A 113 -0.84 2.50 20.00
N HIS A 114 0.46 2.40 19.78
CA HIS A 114 1.44 3.00 20.67
C HIS A 114 1.89 4.28 20.04
N LEU A 115 1.38 4.60 18.87
CA LEU A 115 1.96 5.72 18.14
C LEU A 115 1.10 7.00 18.10
N ALA A 116 1.79 8.14 18.15
CA ALA A 116 1.19 9.42 17.91
C ALA A 116 0.72 9.45 16.44
N PRO A 117 -0.45 10.07 16.19
CA PRO A 117 -1.03 10.12 14.87
C PRO A 117 -0.16 10.85 13.88
N LEU A 118 -0.01 10.26 12.69
CA LEU A 118 0.77 10.93 11.69
C LEU A 118 -0.16 11.82 10.87
N LYS A 119 -0.23 13.09 11.29
CA LYS A 119 -1.17 14.07 10.70
C LYS A 119 -0.32 15.18 10.03
N GLU A 120 -0.09 15.11 8.72
CA GLU A 120 0.78 16.08 8.12
C GLU A 120 0.09 17.05 7.15
N PRO A 121 0.72 18.21 6.98
CA PRO A 121 0.16 19.17 6.08
C PRO A 121 0.20 18.66 4.64
N LEU A 122 -0.86 18.89 3.89
CA LEU A 122 -0.78 18.74 2.46
C LEU A 122 0.37 19.55 1.85
N LEU A 123 1.03 18.97 0.84
CA LEU A 123 2.16 19.56 0.19
C LEU A 123 1.86 19.89 -1.27
N GLU A 124 2.85 20.52 -1.93
CA GLU A 124 2.74 20.93 -3.33
C GLU A 124 1.32 21.41 -3.53
N LYS A 125 0.62 20.98 -4.58
CA LYS A 125 -0.62 21.61 -4.98
C LYS A 125 -1.85 20.91 -4.37
N ASN A 126 -1.63 19.99 -3.43
CA ASN A 126 -2.77 19.27 -2.86
C ASN A 126 -3.68 20.20 -2.04
N LYS A 127 -4.98 20.07 -2.25
CA LYS A 127 -6.03 20.86 -1.60
C LYS A 127 -6.88 19.83 -0.88
N PRO A 128 -7.39 20.14 0.32
CA PRO A 128 -8.16 19.18 1.16
C PRO A 128 -9.56 18.84 0.68
N TYR A 129 -9.98 17.57 0.85
CA TYR A 129 -11.31 17.14 0.46
C TYR A 129 -11.80 16.24 1.58
N LYS A 130 -13.12 16.11 1.66
CA LYS A 130 -13.84 15.28 2.60
C LYS A 130 -14.25 14.04 1.79
N GLN A 131 -14.09 12.86 2.37
CA GLN A 131 -14.51 11.69 1.64
C GLN A 131 -16.03 11.50 1.81
N ASN A 132 -16.84 12.32 1.14
CA ASN A 132 -18.29 12.21 1.37
C ASN A 132 -19.11 11.82 0.13
N SER A 133 -18.43 11.53 -0.98
CA SER A 133 -19.08 11.08 -2.17
C SER A 133 -19.59 9.64 -2.09
N GLY A 134 -19.02 8.84 -1.17
CA GLY A 134 -19.22 7.35 -1.12
C GLY A 134 -18.52 6.62 -2.29
N LYS A 135 -17.59 7.29 -2.97
CA LYS A 135 -16.87 6.71 -4.13
C LYS A 135 -15.42 6.41 -3.74
N VAL A 136 -14.87 5.34 -4.28
CA VAL A 136 -13.48 5.00 -3.96
C VAL A 136 -12.62 6.12 -4.56
N VAL A 137 -11.64 6.55 -3.76
CA VAL A 137 -10.53 7.35 -4.23
C VAL A 137 -9.25 6.67 -3.77
N GLY A 138 -8.51 6.02 -4.67
CA GLY A 138 -7.28 5.31 -4.26
C GLY A 138 -5.98 5.67 -4.96
N SER A 139 -4.85 5.25 -4.37
CA SER A 139 -3.61 5.44 -5.05
C SER A 139 -2.68 4.39 -4.49
N TYR A 140 -1.73 4.01 -5.32
CA TYR A 140 -0.60 3.20 -4.88
C TYR A 140 0.55 3.98 -4.35
N PHE A 141 1.10 3.49 -3.25
CA PHE A 141 2.38 3.97 -2.70
C PHE A 141 3.42 2.86 -2.86
N VAL A 142 4.54 3.17 -3.50
CA VAL A 142 5.55 2.13 -3.74
C VAL A 142 6.65 2.05 -2.70
N GLU A 143 6.90 0.84 -2.25
CA GLU A 143 7.94 0.60 -1.24
C GLU A 143 9.32 1.21 -1.56
N TRP A 144 9.76 1.15 -2.82
CA TRP A 144 11.10 1.60 -3.21
C TRP A 144 11.15 3.14 -3.52
N GLY A 145 9.99 3.81 -3.43
CA GLY A 145 9.96 5.24 -3.71
C GLY A 145 10.59 6.06 -2.56
N VAL A 146 10.88 5.43 -1.43
CA VAL A 146 11.56 6.18 -0.40
C VAL A 146 13.04 6.43 -0.73
N TYR A 147 13.53 5.90 -1.86
CA TYR A 147 14.99 6.03 -2.17
C TYR A 147 15.20 7.20 -3.10
N GLY A 148 15.48 6.92 -4.37
CA GLY A 148 15.73 8.00 -5.31
C GLY A 148 14.56 8.98 -5.41
N ARG A 149 13.32 8.45 -5.53
CA ARG A 149 12.13 9.27 -5.55
C ARG A 149 11.94 10.04 -4.22
N ASN A 150 12.58 9.62 -3.16
CA ASN A 150 12.45 10.35 -1.89
C ASN A 150 11.00 10.67 -1.46
N PHE A 151 10.08 9.81 -1.85
CA PHE A 151 8.71 10.01 -1.44
C PHE A 151 8.31 9.07 -0.34
N THR A 152 8.02 9.60 0.84
CA THR A 152 7.76 8.79 2.02
C THR A 152 6.30 8.87 2.50
N VAL A 153 5.92 8.03 3.46
CA VAL A 153 4.49 7.92 3.85
C VAL A 153 3.98 9.27 4.38
N ASP A 154 4.81 9.98 5.18
CA ASP A 154 4.43 11.32 5.71
C ASP A 154 4.10 12.28 4.58
N LYS A 155 4.49 11.98 3.36
CA LYS A 155 4.16 12.90 2.23
C LYS A 155 2.89 12.51 1.47
N ILE A 156 2.20 11.46 1.91
CA ILE A 156 1.01 11.05 1.19
C ILE A 156 -0.07 12.04 1.65
N PRO A 157 -0.84 12.61 0.70
CA PRO A 157 -2.03 13.39 1.08
C PRO A 157 -3.15 12.49 1.58
N ALA A 158 -2.97 11.90 2.72
CA ALA A 158 -3.87 10.83 3.11
C ALA A 158 -5.34 11.16 3.27
N GLN A 159 -5.69 12.40 3.64
CA GLN A 159 -7.11 12.69 3.85
C GLN A 159 -7.86 12.65 2.49
N ASN A 160 -7.14 12.87 1.36
CA ASN A 160 -7.75 12.84 0.08
C ASN A 160 -7.93 11.43 -0.53
N LEU A 161 -7.90 10.36 0.28
CA LEU A 161 -8.02 9.01 -0.24
C LEU A 161 -9.05 8.23 0.56
N THR A 162 -9.69 7.23 -0.06
CA THR A 162 -10.36 6.17 0.72
C THR A 162 -9.45 4.96 0.80
N HIS A 163 -8.61 4.76 -0.22
CA HIS A 163 -7.88 3.52 -0.34
C HIS A 163 -6.45 3.84 -0.58
N LEU A 164 -5.59 3.26 0.25
CA LEU A 164 -4.15 3.40 0.01
C LEU A 164 -3.50 1.99 -0.20
N LEU A 165 -3.01 1.71 -1.37
CA LEU A 165 -2.47 0.38 -1.66
C LEU A 165 -0.91 0.41 -1.64
N TYR A 166 -0.33 -0.57 -0.94
CA TYR A 166 1.07 -0.65 -0.73
C TYR A 166 1.70 -1.60 -1.77
N GLY A 167 2.38 -1.06 -2.77
CA GLY A 167 3.06 -1.94 -3.75
C GLY A 167 4.55 -2.17 -3.45
N PHE A 168 5.06 -3.43 -3.33
CA PHE A 168 4.33 -4.67 -3.51
C PHE A 168 4.81 -5.66 -2.46
N ILE A 169 3.89 -6.49 -1.94
CA ILE A 169 4.24 -7.68 -1.19
C ILE A 169 4.57 -8.84 -2.19
N PRO A 170 5.72 -9.46 -2.01
CA PRO A 170 6.22 -10.56 -2.82
C PRO A 170 5.77 -11.90 -2.25
N ILE A 171 5.75 -12.91 -3.09
CA ILE A 171 5.48 -14.31 -2.67
C ILE A 171 6.88 -15.04 -2.79
N CYS A 172 7.29 -15.80 -1.78
CA CYS A 172 8.66 -16.45 -1.77
C CYS A 172 8.81 -17.49 -2.93
N GLY A 173 9.99 -17.55 -3.56
CA GLY A 173 10.29 -18.64 -4.46
C GLY A 173 11.49 -18.23 -5.23
N GLY A 174 12.38 -19.21 -5.49
CA GLY A 174 13.56 -18.94 -6.28
C GLY A 174 13.42 -19.28 -7.74
N ASN A 175 14.41 -20.02 -8.25
CA ASN A 175 14.45 -20.32 -9.70
C ASN A 175 13.14 -20.95 -10.15
N GLY A 176 12.68 -20.47 -11.29
CA GLY A 176 11.40 -20.95 -11.82
C GLY A 176 10.14 -20.33 -11.20
N ILE A 177 10.27 -19.67 -10.03
CA ILE A 177 9.12 -19.11 -9.34
C ILE A 177 9.05 -17.59 -9.47
N ASN A 178 10.19 -16.90 -9.47
CA ASN A 178 10.23 -15.45 -9.51
C ASN A 178 11.28 -14.95 -10.52
N ASP A 179 11.31 -15.61 -11.69
CA ASP A 179 12.32 -15.32 -12.73
C ASP A 179 12.15 -13.90 -13.29
N SER A 180 10.92 -13.38 -13.30
CA SER A 180 10.76 -11.98 -13.70
C SER A 180 11.61 -11.01 -12.83
N LEU A 181 11.84 -11.33 -11.56
CA LEU A 181 12.72 -10.49 -10.78
C LEU A 181 14.14 -10.42 -11.33
N LYS A 182 14.57 -11.38 -12.16
CA LYS A 182 16.00 -11.43 -12.48
C LYS A 182 16.34 -10.26 -13.41
N GLU A 183 15.29 -9.68 -14.01
CA GLU A 183 15.43 -8.54 -14.91
C GLU A 183 15.87 -7.23 -14.20
N ILE A 184 15.83 -7.17 -12.85
CA ILE A 184 16.22 -6.02 -12.05
C ILE A 184 17.39 -6.35 -11.12
N GLU A 185 18.46 -5.56 -11.27
CA GLU A 185 19.70 -5.73 -10.53
C GLU A 185 19.44 -5.95 -9.07
N GLY A 186 19.91 -7.09 -8.54
CA GLY A 186 19.90 -7.32 -7.10
C GLY A 186 18.57 -7.86 -6.53
N SER A 187 17.49 -7.78 -7.31
CA SER A 187 16.16 -7.87 -6.76
C SER A 187 15.74 -9.34 -6.47
N PHE A 188 16.01 -10.22 -7.44
CA PHE A 188 15.90 -11.67 -7.22
C PHE A 188 16.63 -12.14 -5.97
N GLN A 189 17.91 -11.76 -5.85
CA GLN A 189 18.68 -12.08 -4.67
C GLN A 189 18.07 -11.45 -3.42
N ALA A 190 17.52 -10.24 -3.50
CA ALA A 190 17.00 -9.65 -2.20
C ALA A 190 15.81 -10.49 -1.70
N LEU A 191 15.02 -11.00 -2.65
CA LEU A 191 13.87 -11.80 -2.29
C LEU A 191 14.35 -13.13 -1.71
N GLN A 192 15.35 -13.76 -2.31
CA GLN A 192 15.83 -15.09 -1.71
C GLN A 192 16.38 -14.92 -0.30
N ARG A 193 17.04 -13.79 -0.09
CA ARG A 193 17.53 -13.48 1.26
C ARG A 193 16.37 -13.33 2.22
N SER A 194 15.36 -12.57 1.81
CA SER A 194 14.21 -12.37 2.67
C SER A 194 13.48 -13.71 3.02
N CYS A 195 13.43 -14.62 2.04
CA CYS A 195 12.68 -15.89 2.08
C CYS A 195 13.51 -17.05 2.59
N GLN A 196 14.75 -16.79 3.01
CA GLN A 196 15.56 -17.92 3.49
C GLN A 196 14.91 -18.67 4.64
N GLY A 197 14.83 -19.97 4.57
CA GLY A 197 14.14 -20.75 5.61
C GLY A 197 12.61 -20.72 5.48
N ARG A 198 12.09 -20.14 4.42
CA ARG A 198 10.69 -19.92 4.37
C ARG A 198 10.15 -20.67 3.16
N GLU A 199 9.08 -21.44 3.34
CA GLU A 199 8.43 -22.11 2.18
C GLU A 199 8.10 -21.17 1.00
N ASP A 200 8.37 -21.62 -0.22
CA ASP A 200 7.86 -21.01 -1.46
C ASP A 200 6.31 -20.79 -1.37
N PHE A 201 5.80 -19.81 -2.08
CA PHE A 201 4.37 -19.53 -2.13
C PHE A 201 3.76 -18.92 -0.87
N LYS A 202 4.59 -18.67 0.17
CA LYS A 202 4.24 -17.81 1.33
C LYS A 202 4.65 -16.38 1.06
N VAL A 203 3.87 -15.40 1.53
CA VAL A 203 4.27 -14.04 1.37
C VAL A 203 5.44 -13.65 2.25
N SER A 204 6.12 -12.60 1.81
CA SER A 204 7.18 -12.01 2.60
C SER A 204 7.25 -10.48 2.42
N ILE A 205 8.39 -9.87 2.74
CA ILE A 205 8.54 -8.47 2.48
C ILE A 205 9.76 -8.36 1.60
N HIS A 206 9.71 -7.58 0.53
CA HIS A 206 10.77 -7.58 -0.44
C HIS A 206 11.99 -6.81 0.14
N ASP A 207 11.74 -5.64 0.77
CA ASP A 207 12.85 -4.85 1.30
C ASP A 207 12.51 -4.50 2.71
N PRO A 208 12.93 -5.37 3.66
CA PRO A 208 12.58 -5.17 5.06
C PRO A 208 13.21 -3.87 5.59
N PHE A 209 14.24 -3.36 4.89
CA PHE A 209 14.83 -2.16 5.42
C PHE A 209 13.88 -0.97 5.23
N ALA A 210 13.54 -0.74 3.98
CA ALA A 210 12.56 0.29 3.65
C ALA A 210 11.24 0.04 4.39
N ALA A 211 10.82 -1.22 4.53
CA ALA A 211 9.52 -1.49 5.13
C ALA A 211 9.49 -1.24 6.62
N LEU A 212 10.60 -1.53 7.32
CA LEU A 212 10.49 -1.66 8.77
C LEU A 212 11.55 -0.98 9.57
N GLN A 213 12.60 -0.51 8.86
CA GLN A 213 13.81 0.00 9.55
C GLN A 213 14.40 1.37 9.22
N LYS A 214 14.14 1.89 8.03
CA LYS A 214 14.64 3.18 7.63
C LYS A 214 13.99 4.21 8.50
N ALA A 215 14.79 5.11 9.05
CA ALA A 215 14.25 6.15 9.89
C ALA A 215 13.34 7.03 9.03
N GLN A 216 12.22 7.50 9.58
CA GLN A 216 11.31 8.38 8.86
C GLN A 216 10.54 9.09 9.90
N LYS A 217 10.00 10.23 9.48
CA LYS A 217 9.27 11.12 10.41
C LYS A 217 8.28 10.39 11.36
N GLY A 218 8.38 10.68 12.67
CA GLY A 218 7.59 10.09 13.73
C GLY A 218 8.10 8.74 14.26
N VAL A 219 9.03 8.15 13.51
CA VAL A 219 9.64 6.87 13.89
C VAL A 219 11.20 6.96 13.62
N THR A 220 11.88 7.85 14.37
CA THR A 220 13.32 8.06 14.18
C THR A 220 14.06 7.68 15.42
N ALA A 221 13.40 7.34 16.49
CA ALA A 221 14.12 6.99 17.69
C ALA A 221 14.56 5.53 17.61
N TRP A 222 15.79 5.29 18.11
CA TRP A 222 16.44 4.01 17.94
C TRP A 222 15.64 2.86 18.50
N ASP A 223 14.96 3.10 19.61
CA ASP A 223 14.18 2.01 20.19
C ASP A 223 12.69 1.92 19.70
N ASP A 224 12.28 2.74 18.74
CA ASP A 224 10.94 2.57 18.09
C ASP A 224 10.97 1.18 17.37
N PRO A 225 10.04 0.28 17.75
CA PRO A 225 10.05 -1.08 17.25
C PRO A 225 9.68 -1.13 15.74
N TYR A 226 8.87 -0.20 15.22
CA TYR A 226 8.53 -0.22 13.82
C TYR A 226 8.90 1.11 13.12
N LYS A 227 9.73 1.07 12.07
CA LYS A 227 10.12 2.32 11.45
C LYS A 227 9.77 2.14 9.99
N GLY A 228 10.46 2.80 9.08
CA GLY A 228 10.25 2.50 7.66
C GLY A 228 8.80 2.81 7.24
N ASN A 229 8.40 2.26 6.09
CA ASN A 229 7.03 2.42 5.61
C ASN A 229 5.98 1.83 6.57
N PHE A 230 6.16 0.59 7.04
CA PHE A 230 5.18 -0.01 7.94
C PHE A 230 4.93 0.87 9.20
N GLY A 231 6.00 1.36 9.87
CA GLY A 231 5.80 2.15 11.09
C GLY A 231 5.04 3.45 10.77
N GLN A 232 5.39 4.11 9.72
CA GLN A 232 4.57 5.22 9.26
C GLN A 232 3.11 4.88 8.94
N LEU A 233 2.87 3.71 8.33
CA LEU A 233 1.52 3.35 7.87
C LEU A 233 0.75 3.19 9.15
N MET A 234 1.44 2.73 10.19
CA MET A 234 0.77 2.49 11.45
C MET A 234 0.31 3.83 12.05
N ALA A 235 1.20 4.82 12.00
CA ALA A 235 0.87 6.11 12.59
C ALA A 235 -0.19 6.79 11.68
N LEU A 236 -0.15 6.49 10.39
CA LEU A 236 -1.11 7.13 9.45
C LEU A 236 -2.54 6.59 9.77
N LYS A 237 -2.63 5.30 10.08
CA LYS A 237 -3.84 4.72 10.48
C LYS A 237 -4.37 5.41 11.77
N GLN A 238 -3.49 5.70 12.72
CA GLN A 238 -3.94 6.37 13.94
C GLN A 238 -4.53 7.74 13.59
N ALA A 239 -4.09 8.39 12.51
CA ALA A 239 -4.64 9.66 12.16
C ALA A 239 -5.89 9.57 11.27
N HIS A 240 -6.02 8.45 10.53
CA HIS A 240 -7.10 8.27 9.56
C HIS A 240 -7.67 6.89 9.71
N PRO A 241 -8.46 6.67 10.76
CA PRO A 241 -8.96 5.30 11.10
C PRO A 241 -9.92 4.68 10.03
N ASP A 242 -10.44 5.50 9.15
CA ASP A 242 -11.24 4.97 8.07
C ASP A 242 -10.53 4.80 6.74
N LEU A 243 -9.26 5.24 6.62
CA LEU A 243 -8.40 4.99 5.45
C LEU A 243 -8.23 3.49 5.35
N LYS A 244 -8.46 2.92 4.18
CA LYS A 244 -8.21 1.51 4.04
C LYS A 244 -6.80 1.39 3.48
N ILE A 245 -5.98 0.64 4.20
CA ILE A 245 -4.63 0.42 3.76
C ILE A 245 -4.50 -1.06 3.41
N LEU A 246 -4.28 -1.31 2.13
CA LEU A 246 -4.22 -2.67 1.60
C LEU A 246 -2.80 -3.02 1.06
N PRO A 247 -2.32 -4.24 1.35
CA PRO A 247 -1.08 -4.68 0.80
C PRO A 247 -1.36 -5.22 -0.61
N SER A 248 -0.63 -4.77 -1.61
CA SER A 248 -0.78 -5.37 -2.92
C SER A 248 0.24 -6.43 -3.18
N ILE A 249 -0.25 -7.65 -3.40
CA ILE A 249 0.61 -8.79 -3.69
C ILE A 249 0.68 -8.96 -5.20
N GLY A 250 1.90 -8.92 -5.73
CA GLY A 250 2.15 -9.10 -7.13
C GLY A 250 2.68 -7.89 -7.82
N GLY A 251 1.99 -7.42 -8.84
CA GLY A 251 2.53 -6.34 -9.66
C GLY A 251 3.33 -6.92 -10.82
N TRP A 252 3.87 -6.04 -11.65
CA TRP A 252 4.52 -6.48 -12.87
C TRP A 252 5.66 -7.52 -12.67
N THR A 253 6.51 -7.36 -11.65
CA THR A 253 7.66 -8.27 -11.53
C THR A 253 7.53 -9.36 -10.50
N LEU A 254 6.42 -9.34 -9.73
CA LEU A 254 6.24 -10.23 -8.59
C LEU A 254 5.01 -11.12 -8.85
N SER A 255 4.49 -11.13 -10.07
CA SER A 255 3.32 -12.02 -10.41
C SER A 255 3.63 -13.49 -10.75
N ASP A 256 4.91 -13.83 -10.98
CA ASP A 256 5.17 -15.18 -11.50
C ASP A 256 4.59 -16.28 -10.58
N PRO A 257 4.60 -16.10 -9.23
CA PRO A 257 4.15 -17.30 -8.51
C PRO A 257 2.65 -17.63 -8.68
N PHE A 258 1.82 -16.65 -9.03
CA PHE A 258 0.37 -16.96 -9.19
C PHE A 258 0.16 -18.08 -10.19
N PHE A 259 0.99 -18.12 -11.23
CA PHE A 259 0.87 -19.11 -12.31
C PHE A 259 0.94 -20.57 -11.82
N PHE A 260 1.42 -20.79 -10.59
CA PHE A 260 1.52 -22.14 -10.02
C PHE A 260 0.34 -22.49 -9.10
N MET A 261 -0.54 -21.56 -8.88
CA MET A 261 -1.57 -21.78 -7.84
C MET A 261 -2.76 -22.63 -8.31
N GLY A 262 -2.71 -23.15 -9.55
CA GLY A 262 -3.58 -24.24 -9.93
C GLY A 262 -3.38 -25.44 -9.01
N ASP A 263 -2.19 -25.59 -8.43
CA ASP A 263 -1.92 -26.56 -7.38
C ASP A 263 -2.54 -26.09 -6.05
N LYS A 264 -3.65 -26.71 -5.67
CA LYS A 264 -4.32 -26.37 -4.41
C LYS A 264 -3.39 -26.43 -3.16
N VAL A 265 -2.45 -27.36 -3.11
CA VAL A 265 -1.50 -27.36 -1.99
C VAL A 265 -0.80 -25.98 -1.86
N LYS A 266 -0.37 -25.42 -3.00
CA LYS A 266 0.43 -24.19 -2.99
C LYS A 266 -0.55 -23.03 -2.74
N ARG A 267 -1.70 -23.08 -3.38
CA ARG A 267 -2.70 -22.05 -3.17
C ARG A 267 -3.14 -21.97 -1.69
N ASP A 268 -3.29 -23.09 -1.01
CA ASP A 268 -3.72 -23.11 0.37
C ASP A 268 -2.67 -22.47 1.23
N ARG A 269 -1.41 -22.83 0.95
CA ARG A 269 -0.28 -22.31 1.67
C ARG A 269 -0.19 -20.78 1.46
N PHE A 270 -0.34 -20.30 0.22
CA PHE A 270 -0.43 -18.87 -0.02
C PHE A 270 -1.52 -18.15 0.84
N VAL A 271 -2.77 -18.60 0.73
CA VAL A 271 -3.90 -18.08 1.51
C VAL A 271 -3.64 -18.16 3.02
N GLY A 272 -3.18 -19.30 3.53
CA GLY A 272 -2.73 -19.37 4.92
C GLY A 272 -1.70 -18.28 5.29
N SER A 273 -0.75 -17.98 4.40
CA SER A 273 0.29 -17.04 4.75
C SER A 273 -0.22 -15.55 4.67
N VAL A 274 -1.19 -15.29 3.80
CA VAL A 274 -1.86 -13.98 3.80
C VAL A 274 -2.63 -13.79 5.16
N LYS A 275 -3.33 -14.80 5.61
CA LYS A 275 -4.00 -14.71 6.87
C LYS A 275 -2.97 -14.33 7.99
N GLU A 276 -1.89 -15.12 8.06
CA GLU A 276 -0.84 -14.86 9.02
C GLU A 276 -0.22 -13.42 8.90
N PHE A 277 0.03 -12.96 7.66
CA PHE A 277 0.52 -11.60 7.42
C PHE A 277 -0.46 -10.56 8.01
N LEU A 278 -1.78 -10.75 7.79
CA LEU A 278 -2.78 -9.83 8.33
C LEU A 278 -2.86 -9.87 9.90
N GLN A 279 -2.64 -11.04 10.49
CA GLN A 279 -2.62 -11.14 11.96
C GLN A 279 -1.32 -10.56 12.47
N THR A 280 -0.25 -10.68 11.69
CA THR A 280 1.01 -10.06 12.04
C THR A 280 0.97 -8.53 11.91
N TRP A 281 0.50 -7.99 10.79
CA TRP A 281 0.56 -6.55 10.51
C TRP A 281 -0.88 -5.99 10.62
N LYS A 282 -1.25 -5.51 11.80
CA LYS A 282 -2.64 -5.20 12.02
C LYS A 282 -3.11 -3.95 11.33
N PHE A 283 -2.22 -3.10 10.90
CA PHE A 283 -2.67 -1.89 10.25
C PHE A 283 -3.30 -2.14 8.88
N PHE A 284 -3.06 -3.30 8.24
CA PHE A 284 -3.62 -3.53 6.92
C PHE A 284 -5.08 -3.99 7.01
N ASP A 285 -5.89 -3.55 6.07
CA ASP A 285 -7.31 -3.79 6.08
C ASP A 285 -7.84 -4.88 5.09
N GLY A 286 -6.98 -5.79 4.65
CA GLY A 286 -7.43 -6.75 3.65
C GLY A 286 -6.29 -7.05 2.70
N VAL A 287 -6.62 -7.35 1.44
CA VAL A 287 -5.63 -7.80 0.49
C VAL A 287 -6.01 -7.43 -0.92
N ASP A 288 -5.03 -6.89 -1.64
CA ASP A 288 -5.19 -6.58 -3.03
C ASP A 288 -4.36 -7.58 -3.83
N ILE A 289 -4.92 -8.18 -4.89
CA ILE A 289 -4.24 -9.25 -5.61
C ILE A 289 -3.93 -8.68 -6.97
N ASP A 290 -2.65 -8.48 -7.25
CA ASP A 290 -2.35 -7.89 -8.56
C ASP A 290 -1.61 -8.91 -9.41
N TRP A 291 -2.40 -9.85 -9.91
CA TRP A 291 -1.84 -10.95 -10.70
C TRP A 291 -1.75 -10.44 -12.14
N GLU A 292 -0.54 -10.15 -12.60
CA GLU A 292 -0.45 -9.69 -13.96
C GLU A 292 0.19 -10.75 -14.88
N PHE A 293 -0.59 -11.52 -15.63
CA PHE A 293 -2.08 -11.54 -15.71
C PHE A 293 -2.50 -13.00 -15.87
N PRO A 294 -3.71 -13.37 -15.40
CA PRO A 294 -4.15 -14.77 -15.63
C PRO A 294 -4.11 -14.99 -17.15
N GLY A 295 -3.50 -16.06 -17.67
CA GLY A 295 -3.30 -16.20 -19.12
C GLY A 295 -1.92 -15.79 -19.62
N GLY A 296 -1.13 -15.12 -18.78
CA GLY A 296 0.18 -14.66 -19.18
C GLY A 296 0.09 -13.32 -19.94
N LYS A 297 1.10 -13.15 -20.76
CA LYS A 297 1.40 -11.92 -21.44
C LYS A 297 1.77 -10.82 -20.47
N GLY A 298 2.38 -11.20 -19.33
CA GLY A 298 2.92 -10.29 -18.34
C GLY A 298 4.41 -10.23 -18.55
N ALA A 299 5.18 -10.11 -17.48
CA ALA A 299 6.61 -9.94 -17.61
C ALA A 299 7.30 -11.22 -18.18
N ASN A 300 6.75 -12.40 -17.84
CA ASN A 300 7.38 -13.69 -18.12
C ASN A 300 6.77 -14.34 -19.39
N PRO A 301 7.54 -14.41 -20.49
CA PRO A 301 6.97 -14.90 -21.72
C PRO A 301 6.72 -16.39 -21.64
N ASN A 302 7.28 -17.08 -20.63
CA ASN A 302 7.01 -18.52 -20.44
C ASN A 302 5.86 -18.95 -19.52
N LEU A 303 5.01 -18.03 -19.04
CA LEU A 303 3.94 -18.44 -18.10
C LEU A 303 2.61 -18.03 -18.67
N GLY A 304 1.57 -18.71 -18.24
CA GLY A 304 0.26 -18.49 -18.76
C GLY A 304 -0.32 -19.83 -19.11
N SER A 305 -1.53 -20.11 -18.61
CA SER A 305 -2.21 -21.31 -18.98
C SER A 305 -3.70 -21.02 -19.11
N PRO A 306 -4.46 -21.83 -19.90
CA PRO A 306 -5.94 -21.65 -20.01
C PRO A 306 -6.71 -21.91 -18.68
N GLN A 307 -6.04 -22.53 -17.73
CA GLN A 307 -6.54 -22.88 -16.43
C GLN A 307 -6.58 -21.64 -15.47
N ASP A 308 -5.82 -20.61 -15.84
CA ASP A 308 -5.57 -19.44 -15.00
C ASP A 308 -6.84 -18.77 -14.53
N GLY A 309 -7.82 -18.69 -15.40
CA GLY A 309 -9.06 -17.99 -15.06
C GLY A 309 -9.75 -18.70 -13.91
N GLU A 310 -9.70 -20.01 -13.93
CA GLU A 310 -10.32 -20.83 -12.88
C GLU A 310 -9.59 -20.66 -11.54
N THR A 311 -8.27 -20.73 -11.65
CA THR A 311 -7.37 -20.47 -10.54
C THR A 311 -7.68 -19.14 -9.87
N TYR A 312 -7.84 -18.11 -10.70
CA TYR A 312 -8.17 -16.81 -10.20
C TYR A 312 -9.48 -16.81 -9.39
N VAL A 313 -10.53 -17.38 -9.98
CA VAL A 313 -11.80 -17.36 -9.30
C VAL A 313 -11.68 -18.18 -8.03
N LEU A 314 -10.96 -19.30 -8.10
CA LEU A 314 -10.79 -20.14 -6.89
C LEU A 314 -10.07 -19.35 -5.83
N LEU A 315 -9.00 -18.64 -6.24
CA LEU A 315 -8.12 -17.93 -5.29
C LEU A 315 -8.94 -16.83 -4.61
N MET A 316 -9.72 -16.07 -5.39
CA MET A 316 -10.62 -15.06 -4.79
C MET A 316 -11.63 -15.65 -3.78
N LYS A 317 -12.19 -16.81 -4.10
CA LYS A 317 -13.21 -17.36 -3.27
C LYS A 317 -12.56 -17.78 -1.92
N GLU A 318 -11.37 -18.36 -2.02
CA GLU A 318 -10.72 -18.85 -0.85
C GLU A 318 -10.15 -17.74 0.07
N LEU A 319 -9.68 -16.63 -0.51
CA LEU A 319 -9.26 -15.43 0.20
C LEU A 319 -10.46 -14.80 0.93
N ARG A 320 -11.60 -14.65 0.25
CA ARG A 320 -12.84 -14.20 0.90
C ARG A 320 -13.17 -15.08 2.12
N ALA A 321 -13.17 -16.40 1.91
CA ALA A 321 -13.56 -17.25 3.01
C ALA A 321 -12.55 -17.04 4.16
N MET A 322 -11.25 -16.97 3.85
CA MET A 322 -10.28 -16.62 4.91
C MET A 322 -10.51 -15.17 5.49
N LEU A 323 -10.81 -14.17 4.69
CA LEU A 323 -11.08 -12.83 5.24
C LEU A 323 -12.38 -12.79 6.10
N ASP A 324 -13.41 -13.55 5.70
CA ASP A 324 -14.67 -13.61 6.45
C ASP A 324 -14.34 -14.12 7.84
N GLN A 325 -13.57 -15.20 7.89
CA GLN A 325 -13.21 -15.81 9.13
C GLN A 325 -12.39 -14.84 10.05
N LEU A 326 -11.38 -14.20 9.48
CA LEU A 326 -10.59 -13.16 10.17
C LEU A 326 -11.49 -11.99 10.67
N SER A 327 -12.44 -11.61 9.85
CA SER A 327 -13.38 -10.60 10.20
C SER A 327 -14.20 -10.97 11.41
N ALA A 328 -14.65 -12.22 11.47
CA ALA A 328 -15.40 -12.66 12.61
C ALA A 328 -14.50 -12.76 13.87
N GLU A 329 -13.24 -13.11 13.71
CA GLU A 329 -12.39 -13.17 14.93
C GLU A 329 -12.06 -11.77 15.46
N THR A 330 -12.07 -10.76 14.60
CA THR A 330 -11.56 -9.50 15.07
C THR A 330 -12.64 -8.43 15.17
N GLY A 331 -13.81 -8.63 14.54
CA GLY A 331 -14.82 -7.58 14.45
C GLY A 331 -14.45 -6.50 13.42
N ARG A 332 -13.41 -6.70 12.60
CA ARG A 332 -13.12 -5.66 11.64
C ARG A 332 -13.68 -6.08 10.29
N LYS A 333 -13.91 -5.11 9.44
CA LYS A 333 -14.38 -5.40 8.14
C LYS A 333 -13.08 -5.48 7.26
N TYR A 334 -12.94 -6.53 6.46
CA TYR A 334 -11.73 -6.71 5.67
C TYR A 334 -12.05 -6.67 4.18
N GLU A 335 -11.16 -6.12 3.36
CA GLU A 335 -11.48 -6.03 1.95
C GLU A 335 -10.60 -6.92 1.08
N LEU A 336 -11.18 -7.42 -0.04
CA LEU A 336 -10.49 -8.24 -1.03
C LEU A 336 -10.66 -7.48 -2.33
N THR A 337 -9.56 -7.05 -2.93
CA THR A 337 -9.63 -6.36 -4.23
C THR A 337 -8.62 -6.94 -5.18
N SER A 338 -8.67 -6.48 -6.41
CA SER A 338 -7.65 -6.90 -7.38
C SER A 338 -7.40 -5.84 -8.48
N ALA A 339 -6.19 -5.67 -8.90
CA ALA A 339 -5.90 -4.77 -10.00
C ALA A 339 -5.81 -5.66 -11.22
N ILE A 340 -6.44 -5.24 -12.30
CA ILE A 340 -6.57 -6.11 -13.49
C ILE A 340 -6.29 -5.40 -14.79
N SER A 341 -5.90 -6.17 -15.83
CA SER A 341 -5.72 -5.58 -17.12
C SER A 341 -7.05 -5.00 -17.63
N ALA A 342 -6.96 -3.83 -18.27
CA ALA A 342 -8.12 -3.19 -18.90
C ALA A 342 -8.36 -3.65 -20.38
N GLY A 343 -7.43 -4.39 -21.00
CA GLY A 343 -7.66 -4.92 -22.35
C GLY A 343 -8.66 -6.10 -22.35
N LYS A 344 -9.63 -6.03 -23.29
CA LYS A 344 -10.66 -7.06 -23.50
C LYS A 344 -10.10 -8.47 -23.67
N ASP A 345 -9.00 -8.60 -24.39
CA ASP A 345 -8.39 -9.88 -24.60
C ASP A 345 -7.91 -10.47 -23.29
N LYS A 346 -7.37 -9.67 -22.34
CA LYS A 346 -7.07 -10.25 -21.03
C LYS A 346 -8.27 -10.35 -20.15
N ILE A 347 -9.21 -9.44 -20.27
CA ILE A 347 -10.41 -9.48 -19.44
C ILE A 347 -11.19 -10.75 -19.63
N ASP A 348 -11.14 -11.27 -20.85
CA ASP A 348 -12.01 -12.40 -21.21
C ASP A 348 -11.43 -13.78 -20.86
N LYS A 349 -10.25 -13.77 -20.29
CA LYS A 349 -9.67 -14.94 -19.64
C LYS A 349 -10.25 -15.31 -18.27
N VAL A 350 -11.05 -14.44 -17.70
CA VAL A 350 -11.54 -14.65 -16.32
C VAL A 350 -12.99 -14.38 -16.26
N ALA A 351 -13.70 -15.15 -15.48
CA ALA A 351 -15.09 -14.78 -15.29
C ALA A 351 -15.23 -13.84 -14.11
N TYR A 352 -14.94 -12.59 -14.38
CA TYR A 352 -15.15 -11.58 -13.36
C TYR A 352 -16.55 -11.48 -12.84
N ASN A 353 -17.51 -11.89 -13.65
CA ASN A 353 -18.90 -11.93 -13.19
C ASN A 353 -19.10 -13.02 -12.10
N VAL A 354 -18.21 -14.02 -12.04
CA VAL A 354 -18.23 -14.95 -10.91
C VAL A 354 -17.35 -14.46 -9.79
N ALA A 355 -16.12 -14.07 -10.14
CA ALA A 355 -15.21 -13.65 -9.06
C ALA A 355 -15.72 -12.40 -8.27
N GLN A 356 -16.49 -11.48 -8.90
CA GLN A 356 -17.01 -10.28 -8.17
C GLN A 356 -17.71 -10.60 -6.87
N ASN A 357 -18.32 -11.76 -6.84
CA ASN A 357 -19.02 -12.15 -5.64
C ASN A 357 -18.16 -12.31 -4.41
N SER A 358 -16.86 -12.53 -4.64
CA SER A 358 -15.87 -12.57 -3.60
C SER A 358 -15.18 -11.21 -3.35
N MET A 359 -15.35 -10.21 -4.22
CA MET A 359 -14.44 -9.06 -4.22
C MET A 359 -15.15 -7.79 -3.82
N ASP A 360 -14.45 -6.91 -3.15
CA ASP A 360 -15.05 -5.60 -2.85
C ASP A 360 -14.89 -4.64 -3.99
N HIS A 361 -13.71 -4.58 -4.63
CA HIS A 361 -13.52 -3.70 -5.79
C HIS A 361 -12.62 -4.36 -6.78
N ILE A 362 -12.79 -3.97 -8.05
CA ILE A 362 -11.93 -4.32 -9.15
C ILE A 362 -11.21 -3.04 -9.53
N PHE A 363 -9.87 -3.08 -9.50
CA PHE A 363 -9.11 -1.88 -9.87
C PHE A 363 -8.74 -2.00 -11.33
N LEU A 364 -9.44 -1.27 -12.18
CA LEU A 364 -9.24 -1.50 -13.63
C LEU A 364 -8.06 -0.72 -14.14
N MET A 365 -6.97 -1.39 -14.50
CA MET A 365 -5.75 -0.70 -14.92
C MET A 365 -5.87 0.00 -16.29
N SER A 366 -6.71 1.04 -16.32
CA SER A 366 -6.98 1.75 -17.56
C SER A 366 -5.85 2.73 -17.93
N TYR A 367 -4.61 2.21 -18.08
CA TYR A 367 -3.42 3.01 -18.46
C TYR A 367 -2.45 2.03 -19.14
N ASP A 368 -1.30 2.50 -19.61
CA ASP A 368 -0.36 1.67 -20.36
C ASP A 368 -0.93 1.12 -21.69
N PHE A 369 -1.95 1.77 -22.23
CA PHE A 369 -2.53 1.35 -23.53
C PHE A 369 -1.51 1.45 -24.65
N TYR A 370 -0.59 2.40 -24.57
CA TYR A 370 0.38 2.62 -25.62
C TYR A 370 1.60 3.13 -24.87
N GLY A 371 2.75 3.00 -25.47
CA GLY A 371 4.00 3.44 -24.80
C GLY A 371 5.21 3.13 -25.68
N ALA A 372 6.38 3.42 -25.14
CA ALA A 372 7.61 3.22 -25.86
C ALA A 372 7.94 1.72 -26.11
N PHE A 373 7.19 0.80 -25.50
CA PHE A 373 7.34 -0.67 -25.71
C PHE A 373 6.88 -1.03 -27.11
N ASP A 374 6.25 -0.07 -27.81
CA ASP A 374 5.83 -0.20 -29.22
C ASP A 374 6.08 1.15 -30.00
N LEU A 375 7.12 1.20 -30.85
CA LEU A 375 7.56 2.41 -31.57
C LEU A 375 6.76 2.67 -32.84
N LYS A 376 5.90 1.72 -33.19
CA LYS A 376 5.22 1.76 -34.48
C LYS A 376 3.76 2.09 -34.34
N ASN A 377 3.06 1.56 -33.34
CA ASN A 377 1.67 2.00 -33.12
C ASN A 377 1.55 2.97 -31.92
N LEU A 378 1.38 4.26 -32.26
CA LEU A 378 1.29 5.30 -31.25
C LEU A 378 -0.17 5.58 -30.88
N GLY A 379 -0.45 5.93 -29.63
CA GLY A 379 -1.83 6.24 -29.22
C GLY A 379 -1.91 6.83 -27.83
N HIS A 380 -3.12 7.12 -27.35
CA HIS A 380 -3.30 7.68 -25.97
C HIS A 380 -3.15 6.54 -24.95
N GLN A 381 -2.25 6.69 -23.98
CA GLN A 381 -1.95 5.62 -23.03
C GLN A 381 -3.04 5.34 -22.01
N THR A 382 -3.96 6.27 -21.81
CA THR A 382 -4.89 6.19 -20.66
C THR A 382 -6.21 6.90 -20.97
N ALA A 383 -6.52 7.09 -22.26
CA ALA A 383 -7.74 7.73 -22.70
C ALA A 383 -9.06 7.09 -22.27
N LEU A 384 -10.09 7.92 -22.12
CA LEU A 384 -11.43 7.46 -21.92
C LEU A 384 -11.99 6.73 -23.14
N ASN A 385 -11.78 7.29 -24.34
CA ASN A 385 -12.42 6.78 -25.57
C ASN A 385 -11.42 6.69 -26.70
N ALA A 386 -11.85 6.14 -27.82
CA ALA A 386 -10.98 6.21 -29.02
C ALA A 386 -10.94 7.65 -29.51
N PRO A 387 -9.82 8.01 -30.12
CA PRO A 387 -9.70 9.32 -30.79
C PRO A 387 -10.46 9.40 -32.17
N ALA A 388 -10.62 10.62 -32.71
CA ALA A 388 -11.35 10.84 -33.98
C ALA A 388 -10.63 10.20 -35.16
N TRP A 389 -9.31 10.19 -35.13
CA TRP A 389 -8.59 9.55 -36.23
C TRP A 389 -8.48 8.01 -36.24
N LYS A 390 -9.05 7.35 -35.23
CA LYS A 390 -9.09 5.86 -35.18
C LYS A 390 -10.19 5.38 -34.27
N PRO A 391 -11.44 5.58 -34.68
CA PRO A 391 -12.56 5.32 -33.76
C PRO A 391 -12.68 3.84 -33.32
N ASP A 392 -11.94 2.94 -33.97
CA ASP A 392 -12.00 1.55 -33.59
C ASP A 392 -10.78 1.13 -32.71
N THR A 393 -10.05 2.10 -32.14
CA THR A 393 -8.95 1.81 -31.20
C THR A 393 -9.38 0.71 -30.16
N ALA A 394 -8.54 -0.32 -30.02
CA ALA A 394 -8.79 -1.48 -29.16
C ALA A 394 -8.80 -1.05 -27.67
N TYR A 395 -7.72 -0.42 -27.24
CA TYR A 395 -7.51 -0.12 -25.82
C TYR A 395 -7.89 1.28 -25.37
N THR A 396 -9.05 1.35 -24.74
CA THR A 396 -9.55 2.55 -24.13
C THR A 396 -10.13 2.11 -22.80
N THR A 397 -10.28 3.06 -21.89
CA THR A 397 -10.90 2.83 -20.64
C THR A 397 -12.28 2.20 -20.87
N VAL A 398 -13.04 2.85 -21.74
CA VAL A 398 -14.41 2.44 -22.01
C VAL A 398 -14.55 0.96 -22.52
N ASN A 399 -13.60 0.53 -23.35
CA ASN A 399 -13.66 -0.82 -23.88
C ASN A 399 -13.46 -1.84 -22.76
N GLY A 400 -12.54 -1.49 -21.83
CA GLY A 400 -12.32 -2.24 -20.58
C GLY A 400 -13.57 -2.40 -19.73
N VAL A 401 -14.22 -1.28 -19.45
CA VAL A 401 -15.40 -1.22 -18.57
C VAL A 401 -16.51 -1.95 -19.29
N ASN A 402 -16.66 -1.69 -20.58
CA ASN A 402 -17.70 -2.41 -21.34
C ASN A 402 -17.48 -3.92 -21.32
N ALA A 403 -16.23 -4.38 -21.35
CA ALA A 403 -16.00 -5.80 -21.33
C ALA A 403 -16.47 -6.45 -19.97
N LEU A 404 -16.28 -5.77 -18.86
CA LEU A 404 -16.69 -6.31 -17.59
C LEU A 404 -18.20 -6.34 -17.50
N LEU A 405 -18.82 -5.23 -17.94
CA LEU A 405 -20.25 -5.01 -17.82
C LEU A 405 -20.94 -6.06 -18.63
N THR A 406 -20.43 -6.26 -19.84
CA THR A 406 -20.85 -7.35 -20.71
C THR A 406 -20.69 -8.73 -20.06
N GLN A 407 -19.65 -8.98 -19.25
CA GLN A 407 -19.66 -10.26 -18.52
C GLN A 407 -20.75 -10.36 -17.47
N GLY A 408 -21.33 -9.24 -17.09
CA GLY A 408 -22.24 -9.23 -15.97
C GLY A 408 -21.62 -8.73 -14.67
N VAL A 409 -20.44 -8.07 -14.74
CA VAL A 409 -19.87 -7.40 -13.49
C VAL A 409 -20.82 -6.27 -13.07
N LYS A 410 -21.05 -6.07 -11.80
CA LYS A 410 -21.95 -4.99 -11.41
C LYS A 410 -21.18 -3.65 -11.51
N PRO A 411 -21.83 -2.58 -11.99
CA PRO A 411 -20.96 -1.46 -12.30
C PRO A 411 -20.31 -0.86 -11.02
N GLY A 412 -20.93 -1.08 -9.86
CA GLY A 412 -20.41 -0.48 -8.64
C GLY A 412 -19.08 -1.05 -8.15
N LYS A 413 -18.68 -2.19 -8.75
CA LYS A 413 -17.49 -2.93 -8.35
C LYS A 413 -16.27 -2.32 -8.99
N ILE A 414 -16.53 -1.56 -10.06
CA ILE A 414 -15.49 -1.22 -10.99
C ILE A 414 -14.89 0.16 -10.71
N VAL A 415 -13.56 0.19 -10.52
CA VAL A 415 -12.82 1.42 -10.17
C VAL A 415 -11.90 1.74 -11.30
N VAL A 416 -12.12 2.90 -11.89
CA VAL A 416 -11.42 3.30 -13.11
C VAL A 416 -10.06 3.87 -12.75
N GLY A 417 -9.04 3.57 -13.59
CA GLY A 417 -7.65 3.93 -13.25
C GLY A 417 -7.28 5.20 -13.93
N THR A 418 -6.47 6.02 -13.26
CA THR A 418 -5.85 7.19 -13.83
C THR A 418 -4.30 7.15 -13.64
N ALA A 419 -3.54 7.74 -14.58
CA ALA A 419 -2.12 7.76 -14.53
C ALA A 419 -1.58 9.05 -13.94
N MET A 420 -0.67 8.91 -12.99
CA MET A 420 0.01 10.08 -12.51
C MET A 420 1.39 10.11 -13.18
N TYR A 421 1.41 9.66 -14.41
CA TYR A 421 2.61 9.70 -15.23
C TYR A 421 2.21 9.68 -16.71
N GLY A 422 3.17 10.07 -17.56
CA GLY A 422 3.03 9.89 -18.98
C GLY A 422 4.02 8.87 -19.55
N ARG A 423 3.69 8.43 -20.73
CA ARG A 423 4.59 7.57 -21.47
C ARG A 423 4.77 8.37 -22.75
N GLY A 424 5.90 8.18 -23.41
CA GLY A 424 6.18 8.87 -24.64
C GLY A 424 7.40 8.41 -25.36
N TRP A 425 7.50 8.92 -26.60
CA TRP A 425 8.49 8.48 -27.57
C TRP A 425 9.35 9.66 -27.95
N THR A 426 10.47 9.40 -28.60
CA THR A 426 11.17 10.46 -29.24
C THR A 426 11.22 10.18 -30.73
N GLY A 427 11.56 11.21 -31.51
CA GLY A 427 11.74 11.05 -32.94
C GLY A 427 10.49 10.70 -33.72
N VAL A 428 9.33 11.13 -33.24
CA VAL A 428 8.11 10.89 -34.01
C VAL A 428 8.20 11.68 -35.35
N ASN A 429 7.83 11.01 -36.45
CA ASN A 429 7.91 11.52 -37.82
C ASN A 429 6.90 10.75 -38.67
N GLY A 430 6.57 11.32 -39.81
CA GLY A 430 5.72 10.60 -40.75
C GLY A 430 4.27 10.68 -40.38
N TYR A 431 3.91 11.75 -39.69
CA TYR A 431 2.51 11.89 -39.29
C TYR A 431 1.77 12.86 -40.23
N GLN A 432 0.44 12.68 -40.33
CA GLN A 432 -0.42 13.45 -41.22
C GLN A 432 -1.38 14.39 -40.44
N ASN A 433 -1.81 15.48 -41.08
CA ASN A 433 -2.89 16.31 -40.54
C ASN A 433 -2.67 16.86 -39.13
N ASN A 434 -1.39 17.09 -38.84
CA ASN A 434 -0.95 17.54 -37.54
C ASN A 434 -1.27 16.63 -36.35
N ILE A 435 -1.48 15.34 -36.60
CA ILE A 435 -1.70 14.40 -35.49
C ILE A 435 -0.51 13.48 -35.37
N PRO A 436 0.37 13.76 -34.42
CA PRO A 436 1.66 13.02 -34.34
C PRO A 436 1.52 11.53 -34.01
N PHE A 437 0.36 11.12 -33.51
CA PHE A 437 0.03 9.74 -33.22
C PHE A 437 -0.11 8.84 -34.49
N THR A 438 -0.31 9.47 -35.65
CA THR A 438 -0.48 8.74 -36.91
C THR A 438 0.90 8.49 -37.49
N GLY A 439 1.96 8.98 -36.84
CA GLY A 439 3.33 8.73 -37.27
C GLY A 439 3.92 7.45 -36.69
N THR A 440 5.24 7.39 -36.61
CA THR A 440 5.97 6.25 -36.04
C THR A 440 7.14 6.89 -35.31
N ALA A 441 7.81 6.17 -34.41
CA ALA A 441 8.84 6.76 -33.48
C ALA A 441 10.22 6.07 -33.57
N THR A 442 11.30 6.65 -33.04
CA THR A 442 12.57 5.96 -33.15
C THR A 442 13.12 5.49 -31.82
N GLY A 443 12.40 5.76 -30.74
CA GLY A 443 12.91 5.48 -29.38
C GLY A 443 11.96 5.95 -28.27
N PRO A 444 12.34 5.67 -27.00
CA PRO A 444 11.62 6.10 -25.83
C PRO A 444 11.92 7.58 -25.60
N VAL A 445 10.95 8.36 -25.08
CA VAL A 445 11.23 9.76 -24.63
C VAL A 445 12.15 9.63 -23.42
N LYS A 446 13.03 10.57 -23.22
CA LYS A 446 13.85 10.52 -22.05
C LYS A 446 12.93 10.63 -20.80
N GLY A 447 13.09 9.68 -19.90
CA GLY A 447 12.18 9.57 -18.79
C GLY A 447 12.75 10.17 -17.53
N THR A 448 11.91 10.28 -16.52
CA THR A 448 12.31 10.84 -15.24
C THR A 448 13.21 9.87 -14.48
N TRP A 449 12.76 8.62 -14.34
CA TRP A 449 13.47 7.56 -13.61
C TRP A 449 13.85 6.43 -14.56
N GLU A 450 13.11 6.23 -15.64
CA GLU A 450 13.40 5.19 -16.59
C GLU A 450 12.84 5.63 -17.92
N ASN A 451 13.51 5.27 -19.00
CA ASN A 451 13.13 5.92 -20.23
C ASN A 451 11.78 5.45 -20.75
N GLY A 452 11.08 6.38 -21.44
CA GLY A 452 9.74 6.17 -21.94
C GLY A 452 8.64 6.53 -20.94
N ILE A 453 9.03 6.95 -19.73
CA ILE A 453 8.01 7.25 -18.73
C ILE A 453 8.36 8.52 -17.99
N VAL A 454 7.40 9.40 -17.75
CA VAL A 454 7.69 10.69 -17.12
C VAL A 454 6.70 10.95 -15.96
N ASP A 455 7.18 11.27 -14.76
CA ASP A 455 6.25 11.58 -13.67
C ASP A 455 5.30 12.70 -14.13
N TYR A 456 4.01 12.66 -13.75
CA TYR A 456 3.15 13.83 -14.03
C TYR A 456 3.81 15.14 -13.51
N ARG A 457 4.31 15.12 -12.29
CA ARG A 457 4.95 16.32 -11.78
C ARG A 457 5.89 16.96 -12.82
N GLN A 458 6.70 16.18 -13.54
CA GLN A 458 7.68 16.79 -14.44
C GLN A 458 7.06 17.23 -15.74
N ILE A 459 6.07 16.48 -16.23
CA ILE A 459 5.31 16.99 -17.35
C ILE A 459 4.83 18.45 -17.07
N ALA A 460 4.31 18.70 -15.87
CA ALA A 460 3.75 20.00 -15.54
C ALA A 460 4.84 21.04 -15.24
N SER A 461 5.92 20.62 -14.58
CA SER A 461 7.07 21.47 -14.28
C SER A 461 7.85 21.87 -15.55
N GLN A 462 8.08 20.94 -16.48
CA GLN A 462 9.07 21.13 -17.50
C GLN A 462 8.53 21.10 -18.90
N PHE A 463 7.39 20.46 -19.13
CA PHE A 463 6.97 20.26 -20.50
C PHE A 463 5.73 21.03 -20.93
N MET A 464 5.43 22.12 -20.21
CA MET A 464 4.35 23.05 -20.60
C MET A 464 4.85 24.50 -20.73
N SER A 465 5.93 24.62 -21.49
CA SER A 465 6.53 25.89 -21.77
C SER A 465 7.47 25.71 -22.97
N GLY A 466 8.10 26.76 -23.45
CA GLY A 466 8.98 26.63 -24.60
C GLY A 466 8.30 26.15 -25.88
N GLU A 467 9.01 25.28 -26.57
CA GLU A 467 8.58 24.72 -27.84
C GLU A 467 7.46 23.66 -27.75
N TRP A 468 7.11 23.23 -26.54
CA TRP A 468 6.06 22.18 -26.34
C TRP A 468 4.65 22.65 -26.69
N GLN A 469 4.10 21.99 -27.70
CA GLN A 469 2.71 22.12 -28.00
C GLN A 469 1.89 21.37 -26.93
N TYR A 470 0.68 21.84 -26.64
CA TYR A 470 -0.18 21.15 -25.72
C TYR A 470 -1.53 21.00 -26.42
N THR A 471 -2.10 19.80 -26.41
CA THR A 471 -3.40 19.61 -27.03
C THR A 471 -4.27 18.79 -26.13
N TYR A 472 -5.48 19.24 -25.90
CA TYR A 472 -6.40 18.34 -25.23
C TYR A 472 -7.32 17.75 -26.27
N ASP A 473 -7.23 16.44 -26.49
CA ASP A 473 -8.18 15.74 -27.40
C ASP A 473 -9.52 15.48 -26.69
N ALA A 474 -10.59 16.15 -27.12
CA ALA A 474 -11.84 16.09 -26.39
C ALA A 474 -12.71 14.87 -26.77
N THR A 475 -12.37 14.18 -27.85
CA THR A 475 -13.11 12.98 -28.22
C THR A 475 -12.60 11.78 -27.42
N ALA A 476 -11.29 11.59 -27.46
CA ALA A 476 -10.61 10.63 -26.58
C ALA A 476 -10.77 10.99 -25.08
N GLU A 477 -10.77 12.32 -24.78
CA GLU A 477 -10.52 12.85 -23.43
C GLU A 477 -9.10 12.53 -22.95
N ALA A 478 -8.11 13.22 -23.52
CA ALA A 478 -6.73 12.87 -23.35
C ALA A 478 -5.88 14.03 -23.79
N PRO A 479 -5.10 14.55 -22.88
CA PRO A 479 -4.05 15.51 -23.20
C PRO A 479 -2.77 14.89 -23.72
N TYR A 480 -2.04 15.62 -24.54
CA TYR A 480 -0.66 15.30 -24.89
C TYR A 480 0.17 16.53 -25.22
N VAL A 481 1.48 16.39 -25.13
CA VAL A 481 2.42 17.45 -25.41
C VAL A 481 3.37 16.91 -26.46
N PHE A 482 3.82 17.80 -27.34
CA PHE A 482 4.61 17.43 -28.50
C PHE A 482 5.66 18.50 -28.78
N LYS A 483 6.89 18.07 -28.95
CA LYS A 483 7.97 18.98 -29.24
C LYS A 483 8.42 18.64 -30.68
N PRO A 484 8.01 19.47 -31.68
CA PRO A 484 8.26 19.09 -33.10
C PRO A 484 9.74 19.02 -33.48
N SER A 485 10.60 19.82 -32.86
CA SER A 485 11.99 19.84 -33.30
C SER A 485 12.65 18.46 -33.10
N THR A 486 12.17 17.73 -32.10
CA THR A 486 12.80 16.46 -31.76
C THR A 486 11.84 15.32 -31.97
N GLY A 487 10.59 15.61 -32.29
CA GLY A 487 9.58 14.57 -32.37
C GLY A 487 9.33 13.87 -31.02
N ASP A 488 9.56 14.57 -29.90
CA ASP A 488 9.23 14.13 -28.55
C ASP A 488 7.68 14.23 -28.26
N LEU A 489 7.05 13.11 -27.94
CA LEU A 489 5.57 13.07 -27.82
C LEU A 489 5.18 12.41 -26.48
N ILE A 490 4.28 13.00 -25.69
CA ILE A 490 4.01 12.43 -24.36
C ILE A 490 2.53 12.31 -24.14
N THR A 491 2.05 11.12 -23.78
CA THR A 491 0.61 10.90 -23.53
C THR A 491 0.37 10.69 -22.02
N PHE A 492 -0.58 11.38 -21.40
CA PHE A 492 -0.68 11.37 -19.94
C PHE A 492 -2.13 11.66 -19.54
N ASP A 493 -2.46 11.62 -18.25
CA ASP A 493 -3.73 12.11 -17.75
C ASP A 493 -3.48 13.53 -17.21
N ASP A 494 -4.50 14.41 -17.30
CA ASP A 494 -4.40 15.68 -16.61
C ASP A 494 -5.70 16.03 -15.90
N ALA A 495 -5.77 17.23 -15.30
CA ALA A 495 -6.93 17.56 -14.46
C ALA A 495 -8.18 17.34 -15.30
N ARG A 496 -8.12 17.67 -16.58
CA ARG A 496 -9.31 17.60 -17.38
C ARG A 496 -9.68 16.17 -17.79
N SER A 497 -8.70 15.34 -18.17
CA SER A 497 -9.09 13.98 -18.54
C SER A 497 -9.53 13.24 -17.29
N VAL A 498 -8.94 13.59 -16.15
CA VAL A 498 -9.44 13.06 -14.90
C VAL A 498 -10.86 13.44 -14.56
N GLN A 499 -11.26 14.73 -14.75
CA GLN A 499 -12.69 15.13 -14.61
C GLN A 499 -13.54 14.28 -15.55
N ALA A 500 -13.13 14.14 -16.81
CA ALA A 500 -13.87 13.27 -17.74
C ALA A 500 -14.09 11.84 -17.17
N LYS A 501 -13.01 11.18 -16.69
CA LYS A 501 -13.17 9.88 -16.00
C LYS A 501 -14.10 9.94 -14.77
N GLY A 502 -13.96 10.96 -13.91
CA GLY A 502 -14.81 11.01 -12.73
C GLY A 502 -16.28 11.22 -13.11
N LYS A 503 -16.50 12.13 -14.03
CA LYS A 503 -17.86 12.28 -14.58
C LYS A 503 -18.44 10.96 -15.19
N TYR A 504 -17.61 10.18 -15.89
CA TYR A 504 -18.00 8.89 -16.43
C TYR A 504 -18.42 7.95 -15.31
N VAL A 505 -17.65 7.98 -14.21
CA VAL A 505 -17.87 7.08 -13.09
C VAL A 505 -19.25 7.38 -12.51
N LEU A 506 -19.54 8.67 -12.30
CA LEU A 506 -20.86 9.11 -11.83
C LEU A 506 -21.98 8.78 -12.82
N ASP A 507 -21.83 9.09 -14.13
CA ASP A 507 -22.90 8.76 -15.08
C ASP A 507 -23.19 7.29 -15.09
N LYS A 508 -22.12 6.47 -15.12
CA LYS A 508 -22.25 5.03 -15.29
C LYS A 508 -22.42 4.32 -13.98
N GLN A 509 -22.38 5.02 -12.85
CA GLN A 509 -22.44 4.41 -11.49
C GLN A 509 -21.32 3.39 -11.15
N LEU A 510 -20.12 3.63 -11.66
CA LEU A 510 -18.98 2.82 -11.31
C LEU A 510 -18.56 3.09 -9.85
N GLY A 511 -17.63 2.27 -9.31
CA GLY A 511 -17.13 2.39 -7.93
C GLY A 511 -16.26 3.59 -7.49
N GLY A 512 -15.52 4.19 -8.43
CA GLY A 512 -14.66 5.37 -8.14
C GLY A 512 -13.42 5.45 -9.03
N LEU A 513 -12.37 6.10 -8.56
CA LEU A 513 -11.14 6.22 -9.34
C LEU A 513 -9.94 5.81 -8.47
N PHE A 514 -8.91 5.21 -9.06
CA PHE A 514 -7.68 5.00 -8.31
C PHE A 514 -6.57 5.39 -9.26
N SER A 515 -5.35 5.52 -8.76
CA SER A 515 -4.23 5.98 -9.59
C SER A 515 -2.93 5.24 -9.29
N TRP A 516 -1.99 5.24 -10.26
CA TRP A 516 -0.60 4.78 -10.07
C TRP A 516 0.32 5.96 -10.50
N GLU A 517 1.25 6.45 -9.68
CA GLU A 517 1.53 6.06 -8.33
C GLU A 517 1.62 7.38 -7.59
N ILE A 518 1.29 7.39 -6.33
CA ILE A 518 1.08 8.63 -5.61
C ILE A 518 2.30 9.55 -5.61
N ASP A 519 3.50 9.01 -5.56
CA ASP A 519 4.69 9.85 -5.51
C ASP A 519 4.86 10.76 -6.72
N ALA A 520 4.23 10.43 -7.84
CA ALA A 520 4.47 11.19 -9.07
C ALA A 520 3.54 12.38 -9.31
N ASP A 521 2.47 12.47 -8.52
CA ASP A 521 1.51 13.56 -8.66
C ASP A 521 2.13 14.84 -8.03
N ASN A 522 1.67 16.03 -8.46
CA ASN A 522 1.96 17.27 -7.69
C ASN A 522 0.73 17.75 -6.99
N GLY A 523 -0.35 16.99 -7.12
CA GLY A 523 -1.58 17.33 -6.41
C GLY A 523 -2.70 17.56 -7.38
N ASP A 524 -2.36 17.98 -8.61
CA ASP A 524 -3.34 18.18 -9.63
C ASP A 524 -4.22 16.96 -9.92
N ILE A 525 -3.67 15.73 -10.03
CA ILE A 525 -4.46 14.56 -10.43
C ILE A 525 -5.37 14.13 -9.30
N LEU A 526 -4.82 13.94 -8.10
CA LEU A 526 -5.62 13.59 -6.95
C LEU A 526 -6.71 14.61 -6.62
N ASN A 527 -6.39 15.93 -6.78
CA ASN A 527 -7.41 17.00 -6.59
C ASN A 527 -8.58 16.76 -7.53
N SER A 528 -8.28 16.50 -8.78
CA SER A 528 -9.30 16.39 -9.79
C SER A 528 -10.07 15.06 -9.57
N MET A 529 -9.39 14.00 -9.13
CA MET A 529 -10.08 12.77 -8.82
C MET A 529 -11.15 13.07 -7.76
N ASN A 530 -10.74 13.76 -6.71
CA ASN A 530 -11.67 14.06 -5.63
C ASN A 530 -12.87 14.95 -6.10
N ALA A 531 -12.55 16.10 -6.75
CA ALA A 531 -13.58 17.04 -7.19
C ALA A 531 -14.61 16.38 -8.11
N SER A 532 -14.09 15.63 -9.06
CA SER A 532 -14.87 15.12 -10.15
C SER A 532 -15.77 14.00 -9.66
N LEU A 533 -15.44 13.40 -8.53
CA LEU A 533 -16.30 12.36 -7.99
C LEU A 533 -17.29 13.03 -7.04
N GLY A 534 -17.13 14.35 -6.86
CA GLY A 534 -18.12 15.15 -6.13
C GLY A 534 -17.83 15.22 -4.66
N ASN A 535 -16.60 14.94 -4.22
CA ASN A 535 -16.25 15.15 -2.82
C ASN A 535 -16.21 16.64 -2.50
N SER A 536 -16.56 17.02 -1.27
CA SER A 536 -16.61 18.43 -0.86
C SER A 536 -15.25 18.91 -0.52
N ALA A 537 -14.93 20.12 -1.01
CA ALA A 537 -13.72 20.81 -0.58
C ALA A 537 -13.63 20.92 0.96
N GLY A 538 -12.45 21.23 1.48
CA GLY A 538 -12.30 21.73 2.87
C GLY A 538 -12.02 20.56 3.79
N VAL A 539 -11.47 20.85 4.96
CA VAL A 539 -11.07 19.83 6.00
C VAL A 539 -12.31 19.06 6.62
#